data_3QKK
#
_entry.id   3QKK
#
_cell.length_a   47.590
_cell.length_b   56.814
_cell.length_c   151.349
_cell.angle_alpha   90.00
_cell.angle_beta   90.00
_cell.angle_gamma   90.00
#
_symmetry.space_group_name_H-M   'P 21 21 21'
#
loop_
_entity.id
_entity.type
_entity.pdbx_description
1 polymer 'RAC-alpha serine/threonine-protein kinase'
2 polymer 'Glycogen synthase kinase-3 beta'
3 non-polymer "N-(2-ethoxyethyl)-N-{(2S)-2-hydroxy-3-[(2R)-6-hydroxy-4-oxo-3,4-dihydro-1'H-spiro[chromene-2,3'-piperidin]-1'-yl]propyl}-2,6-dimethylbenzenesulfonamide"
4 water water
#
loop_
_entity_poly.entity_id
_entity_poly.type
_entity_poly.pdbx_seq_one_letter_code
_entity_poly.pdbx_strand_id
1 'polypeptide(L)'
;GAMARVTMNEFEYLKLLGKGTFGKVILVKEKATGRYYAMKILKKEVIVAKDEVAHTLTENRVLQNSRHPFLTALKYSFQT
HDRLCFVMEYANGGELFFHLSRERVFSEDRARFYGAEIVSALDYLHSEKNVVYRDLKLENLMLDKDGHIKITDFGLCKEG
IKDGATMK(TPO)FCGTPEYLAPEVLEDNDYGRAVDWWGLGVVMYEMMCGRLPFYNQDHEKLFELILMEEIRFPRTLGPE
AKSLLSGLLKKDPKQRLGGGSEDAKEIMQHRFFAGIVWQHVYEKKLSPPFKPQVTSETDTRYFDEEFTAQMITITPPDQD
DSMECVDSERRPHFPQFDYSASSTA
;
A
2 'polypeptide(L)' GRPRTTSFAE C
#
loop_
_chem_comp.id
_chem_comp.type
_chem_comp.name
_chem_comp.formula
SMH non-polymer N-(2-ethoxyethyl)-N-{(2S)-2-hydroxy-3-[(2R)-6-hydroxy-4-oxo-3,4-dihydro-1'H-spiro[chromene-2,3'-piperidin]-1'-yl]propyl}-2,6-dimethylbenzenesulfonamide 'C28 H38 N2 O7 S'
#
# COMPACT_ATOMS: atom_id res chain seq x y z
N ARG A 5 25.85 -13.25 -5.31
CA ARG A 5 25.65 -12.51 -4.03
C ARG A 5 25.60 -11.01 -4.30
N VAL A 6 24.76 -10.31 -3.53
CA VAL A 6 24.38 -8.92 -3.80
C VAL A 6 24.79 -8.04 -2.63
N THR A 7 25.53 -6.98 -2.94
CA THR A 7 25.94 -5.99 -1.97
C THR A 7 25.47 -4.62 -2.44
N MET A 8 25.70 -3.60 -1.61
CA MET A 8 25.37 -2.22 -1.94
C MET A 8 26.24 -1.63 -3.03
N ASN A 9 27.43 -2.21 -3.24
CA ASN A 9 28.35 -1.75 -4.28
C ASN A 9 27.88 -2.05 -5.68
N GLU A 10 26.95 -3.01 -5.80
CA GLU A 10 26.35 -3.39 -7.08
C GLU A 10 25.36 -2.34 -7.64
N PHE A 11 25.08 -1.31 -6.86
CA PHE A 11 24.14 -0.31 -7.30
C PHE A 11 24.78 1.04 -7.32
N GLU A 12 24.31 1.88 -8.25
CA GLU A 12 24.60 3.31 -8.25
C GLU A 12 23.38 4.03 -7.64
N TYR A 13 23.61 4.97 -6.72
CA TYR A 13 22.56 5.67 -5.96
C TYR A 13 22.29 7.04 -6.56
N LEU A 14 21.09 7.20 -7.13
CA LEU A 14 20.76 8.33 -7.99
C LEU A 14 19.93 9.45 -7.35
N LYS A 15 18.69 9.14 -6.94
CA LYS A 15 17.81 10.17 -6.39
C LYS A 15 17.13 9.64 -5.14
N LEU A 16 16.96 10.50 -4.15
CA LEU A 16 16.15 10.16 -2.99
C LEU A 16 14.70 10.34 -3.40
N LEU A 17 13.92 9.27 -3.28
CA LEU A 17 12.50 9.30 -3.58
C LEU A 17 11.65 9.66 -2.35
N GLY A 18 12.05 9.18 -1.17
CA GLY A 18 11.34 9.43 0.08
C GLY A 18 12.17 9.12 1.31
N LYS A 19 11.83 9.76 2.42
CA LYS A 19 12.56 9.59 3.67
C LYS A 19 11.62 9.60 4.87
N GLY A 20 11.82 8.64 5.78
CA GLY A 20 11.02 8.56 6.99
C GLY A 20 11.80 8.05 8.20
N THR A 21 11.06 7.84 9.30
CA THR A 21 11.61 7.37 10.58
C THR A 21 12.59 6.21 10.44
N PHE A 22 12.24 5.23 9.61
CA PHE A 22 12.99 4.00 9.57
C PHE A 22 14.05 3.93 8.48
N GLY A 23 14.08 4.93 7.60
CA GLY A 23 15.03 4.92 6.50
C GLY A 23 14.59 5.69 5.26
N LYS A 24 14.99 5.17 4.10
CA LYS A 24 14.72 5.88 2.84
C LYS A 24 14.51 4.96 1.64
N VAL A 25 13.93 5.50 0.56
CA VAL A 25 13.80 4.80 -0.71
C VAL A 25 14.60 5.60 -1.76
N ILE A 26 15.54 4.94 -2.43
CA ILE A 26 16.41 5.62 -3.38
C ILE A 26 16.21 4.99 -4.74
N LEU A 27 16.06 5.84 -5.75
CA LEU A 27 16.11 5.39 -7.12
C LEU A 27 17.55 4.95 -7.45
N VAL A 28 17.69 3.69 -7.84
CA VAL A 28 19.03 3.10 -8.06
C VAL A 28 19.16 2.46 -9.45
N LYS A 29 20.40 2.35 -9.92
CA LYS A 29 20.69 1.59 -11.13
C LYS A 29 21.55 0.41 -10.73
N GLU A 30 21.15 -0.81 -11.09
CA GLU A 30 22.01 -1.97 -10.95
C GLU A 30 23.15 -1.86 -12.01
N LYS A 31 24.38 -1.65 -11.56
CA LYS A 31 25.55 -1.55 -12.49
C LYS A 31 25.61 -2.60 -13.60
N ALA A 32 25.48 -3.87 -13.23
CA ALA A 32 25.71 -4.97 -14.17
C ALA A 32 24.74 -5.01 -15.35
N THR A 33 23.51 -4.62 -15.09
CA THR A 33 22.41 -4.83 -16.01
C THR A 33 21.93 -3.54 -16.65
N GLY A 34 22.15 -2.40 -15.97
CA GLY A 34 21.56 -1.10 -16.39
C GLY A 34 20.09 -0.90 -16.01
N ARG A 35 19.55 -1.80 -15.21
CA ARG A 35 18.15 -1.74 -14.82
C ARG A 35 17.95 -0.81 -13.66
N TYR A 36 16.80 -0.13 -13.67
CA TYR A 36 16.47 0.80 -12.57
C TYR A 36 15.55 0.19 -11.53
N TYR A 37 15.86 0.48 -10.27
CA TYR A 37 15.03 0.03 -9.16
C TYR A 37 14.78 1.14 -8.14
N ALA A 38 13.77 0.91 -7.29
CA ALA A 38 13.64 1.67 -6.05
C ALA A 38 14.21 0.83 -4.90
N MET A 39 15.27 1.30 -4.26
CA MET A 39 15.81 0.53 -3.11
C MET A 39 15.36 1.13 -1.80
N LYS A 40 14.60 0.36 -1.02
CA LYS A 40 14.21 0.81 0.32
C LYS A 40 15.29 0.40 1.30
N ILE A 41 15.83 1.37 2.01
CA ILE A 41 16.93 1.12 2.92
C ILE A 41 16.51 1.45 4.35
N LEU A 42 16.51 0.45 5.24
CA LEU A 42 16.06 0.64 6.64
C LEU A 42 17.25 0.43 7.60
N LYS A 43 17.35 1.28 8.61
CA LYS A 43 18.35 1.09 9.66
C LYS A 43 17.89 0.05 10.70
N LYS A 44 18.72 -0.98 10.88
CA LYS A 44 18.47 -2.08 11.81
C LYS A 44 18.24 -1.57 13.24
N GLU A 45 19.03 -0.60 13.64
CA GLU A 45 19.01 -0.11 15.00
C GLU A 45 17.69 0.62 15.31
N VAL A 46 17.17 1.38 14.33
CA VAL A 46 15.86 2.02 14.49
C VAL A 46 14.73 0.99 14.45
N ILE A 47 14.87 -0.03 13.61
CA ILE A 47 13.90 -1.14 13.57
C ILE A 47 13.73 -1.78 14.97
N VAL A 48 14.85 -2.17 15.59
CA VAL A 48 14.86 -2.77 16.92
C VAL A 48 14.34 -1.82 18.01
N ALA A 49 14.82 -0.58 18.03
CA ALA A 49 14.44 0.38 19.04
C ALA A 49 12.93 0.60 19.12
N LYS A 50 12.25 0.47 17.98
CA LYS A 50 10.81 0.76 17.84
C LYS A 50 9.99 -0.49 17.65
N ASP A 51 10.61 -1.64 17.89
CA ASP A 51 9.91 -2.92 17.84
C ASP A 51 9.25 -3.30 16.52
N GLU A 52 9.90 -2.92 15.42
CA GLU A 52 9.38 -3.15 14.08
C GLU A 52 10.03 -4.34 13.40
N VAL A 53 10.61 -5.25 14.20
CA VAL A 53 11.33 -6.41 13.66
C VAL A 53 10.38 -7.37 12.97
N ALA A 54 9.29 -7.71 13.65
CA ALA A 54 8.33 -8.66 13.11
C ALA A 54 7.63 -8.15 11.83
N HIS A 55 7.39 -6.85 11.79
CA HIS A 55 6.76 -6.20 10.63
C HIS A 55 7.70 -6.12 9.42
N THR A 56 8.97 -5.81 9.66
CA THR A 56 9.99 -5.86 8.62
C THR A 56 10.04 -7.26 7.98
N LEU A 57 10.05 -8.30 8.82
CA LEU A 57 10.15 -9.70 8.34
C LEU A 57 8.90 -10.12 7.55
N THR A 58 7.73 -9.63 7.96
CA THR A 58 6.48 -9.84 7.22
C THR A 58 6.51 -9.16 5.84
N GLU A 59 6.93 -7.91 5.80
CA GLU A 59 7.13 -7.19 4.55
C GLU A 59 7.97 -8.09 3.61
N ASN A 60 9.15 -8.49 4.10
CA ASN A 60 10.05 -9.36 3.35
C ASN A 60 9.35 -10.63 2.87
N ARG A 61 8.69 -11.31 3.80
CA ARG A 61 8.03 -12.58 3.51
C ARG A 61 6.92 -12.44 2.49
N VAL A 62 6.05 -11.42 2.64
CA VAL A 62 4.94 -11.23 1.73
C VAL A 62 5.44 -10.82 0.34
N LEU A 63 6.44 -9.94 0.30
CA LEU A 63 7.07 -9.56 -0.97
C LEU A 63 7.60 -10.79 -1.72
N GLN A 64 8.38 -11.63 -1.03
CA GLN A 64 8.93 -12.83 -1.65
C GLN A 64 7.84 -13.84 -2.03
N ASN A 65 6.76 -13.87 -1.27
CA ASN A 65 5.73 -14.88 -1.48
C ASN A 65 4.60 -14.41 -2.38
N SER A 66 4.71 -13.21 -2.94
CA SER A 66 3.66 -12.69 -3.81
C SER A 66 4.11 -12.50 -5.24
N ARG A 67 3.21 -12.81 -6.18
CA ARG A 67 3.34 -12.41 -7.58
C ARG A 67 1.99 -12.08 -8.15
N HIS A 68 1.81 -10.81 -8.46
CA HIS A 68 0.53 -10.31 -8.92
C HIS A 68 0.80 -9.03 -9.69
N PRO A 69 0.04 -8.76 -10.76
CA PRO A 69 0.25 -7.51 -11.53
C PRO A 69 0.24 -6.20 -10.70
N PHE A 70 -0.58 -6.12 -9.64
CA PHE A 70 -0.73 -4.86 -8.89
C PHE A 70 -0.11 -4.90 -7.50
N LEU A 71 0.82 -5.84 -7.32
CA LEU A 71 1.61 -5.86 -6.11
C LEU A 71 3.04 -5.57 -6.50
N THR A 72 3.68 -4.69 -5.74
CA THR A 72 5.08 -4.32 -5.96
C THR A 72 5.93 -5.61 -5.91
N ALA A 73 6.70 -5.82 -6.98
CA ALA A 73 7.61 -6.95 -7.15
C ALA A 73 8.95 -6.64 -6.50
N LEU A 74 9.50 -7.62 -5.77
CA LEU A 74 10.82 -7.52 -5.15
C LEU A 74 11.83 -8.26 -6.03
N LYS A 75 12.95 -7.60 -6.36
CA LYS A 75 14.02 -8.25 -7.14
C LYS A 75 15.07 -8.88 -6.19
N TYR A 76 15.50 -8.11 -5.19
CA TYR A 76 16.46 -8.55 -4.19
C TYR A 76 16.07 -8.04 -2.81
N SER A 77 16.40 -8.80 -1.77
CA SER A 77 16.56 -8.24 -0.47
C SER A 77 17.84 -8.83 0.09
N PHE A 78 18.65 -7.95 0.69
CA PHE A 78 19.90 -8.35 1.32
C PHE A 78 20.11 -7.41 2.50
N GLN A 79 21.18 -7.62 3.25
CA GLN A 79 21.45 -6.83 4.45
C GLN A 79 22.94 -6.56 4.64
N THR A 80 23.24 -5.47 5.33
CA THR A 80 24.58 -5.16 5.78
C THR A 80 24.60 -5.19 7.31
N HIS A 81 25.71 -4.79 7.92
CA HIS A 81 25.81 -4.80 9.38
C HIS A 81 24.72 -3.90 10.00
N ASP A 82 24.42 -2.79 9.37
CA ASP A 82 23.49 -1.83 9.95
C ASP A 82 22.25 -1.51 9.10
N ARG A 83 22.11 -2.13 7.93
CA ARG A 83 20.99 -1.85 7.02
C ARG A 83 20.29 -3.08 6.44
N LEU A 84 19.01 -2.93 6.13
CA LEU A 84 18.20 -3.91 5.40
C LEU A 84 17.78 -3.25 4.10
N CYS A 85 17.98 -3.94 2.99
CA CYS A 85 17.71 -3.39 1.66
C CYS A 85 16.70 -4.22 0.90
N PHE A 86 15.64 -3.57 0.42
CA PHE A 86 14.68 -4.20 -0.48
C PHE A 86 14.80 -3.50 -1.80
N VAL A 87 15.20 -4.23 -2.83
CA VAL A 87 15.28 -3.68 -4.17
C VAL A 87 14.03 -4.07 -4.92
N MET A 88 13.16 -3.08 -5.07
CA MET A 88 11.85 -3.28 -5.65
C MET A 88 11.80 -2.66 -7.03
N GLU A 89 10.90 -3.16 -7.87
CA GLU A 89 10.61 -2.50 -9.15
C GLU A 89 10.25 -1.04 -8.89
N TYR A 90 10.63 -0.16 -9.83
CA TYR A 90 10.45 1.28 -9.70
C TYR A 90 9.10 1.66 -10.33
N ALA A 91 8.18 2.07 -9.48
CA ALA A 91 6.88 2.60 -9.91
C ALA A 91 7.01 4.10 -10.23
N ASN A 92 7.25 4.40 -11.51
CA ASN A 92 7.54 5.75 -12.04
C ASN A 92 6.52 6.84 -11.75
N GLY A 93 5.25 6.44 -11.61
CA GLY A 93 4.13 7.38 -11.44
C GLY A 93 3.97 7.92 -10.03
N GLY A 94 4.80 7.44 -9.08
CA GLY A 94 4.73 7.90 -7.69
C GLY A 94 3.47 7.46 -6.94
N GLU A 95 3.27 8.02 -5.75
CA GLU A 95 2.10 7.71 -4.94
C GLU A 95 0.85 8.37 -5.49
N LEU A 96 -0.28 7.70 -5.32
CA LEU A 96 -1.59 8.24 -5.64
C LEU A 96 -1.82 9.45 -4.75
N PHE A 97 -1.19 9.47 -3.58
CA PHE A 97 -1.19 10.62 -2.70
C PHE A 97 -0.59 11.85 -3.40
N PHE A 98 0.53 11.67 -4.10
CA PHE A 98 1.11 12.76 -4.89
C PHE A 98 0.07 13.38 -5.82
N HIS A 99 -0.57 12.52 -6.62
CA HIS A 99 -1.54 12.96 -7.63
C HIS A 99 -2.78 13.63 -7.04
N LEU A 100 -3.34 13.03 -6.01
CA LEU A 100 -4.58 13.51 -5.42
C LEU A 100 -4.39 14.81 -4.63
N SER A 101 -3.22 14.99 -4.02
CA SER A 101 -2.87 16.27 -3.40
C SER A 101 -2.89 17.46 -4.38
N ARG A 102 -2.87 17.16 -5.68
CA ARG A 102 -2.73 18.19 -6.70
C ARG A 102 -3.98 18.35 -7.57
N GLU A 103 -4.52 17.23 -8.04
CA GLU A 103 -5.72 17.24 -8.87
C GLU A 103 -6.99 17.38 -8.03
N ARG A 104 -6.87 17.08 -6.74
CA ARG A 104 -7.97 17.18 -5.76
C ARG A 104 -9.02 16.06 -5.82
N VAL A 105 -9.53 15.77 -7.02
CA VAL A 105 -10.54 14.74 -7.21
C VAL A 105 -10.21 13.98 -8.50
N PHE A 106 -10.43 12.66 -8.50
CA PHE A 106 -10.42 11.89 -9.76
C PHE A 106 -11.86 11.73 -10.29
N SER A 107 -12.00 11.59 -11.60
CA SER A 107 -13.32 11.25 -12.17
C SER A 107 -13.75 9.86 -11.70
N GLU A 108 -15.06 9.60 -11.71
CA GLU A 108 -15.56 8.27 -11.33
C GLU A 108 -14.97 7.15 -12.20
N ASP A 109 -14.85 7.38 -13.50
CA ASP A 109 -14.24 6.38 -14.39
C ASP A 109 -12.81 6.03 -13.98
N ARG A 110 -12.03 7.05 -13.63
CA ARG A 110 -10.63 6.86 -13.24
C ARG A 110 -10.53 6.14 -11.89
N ALA A 111 -11.35 6.54 -10.92
CA ALA A 111 -11.44 5.87 -9.63
C ALA A 111 -11.87 4.40 -9.75
N ARG A 112 -12.74 4.10 -10.72
CA ARG A 112 -13.23 2.76 -10.98
C ARG A 112 -12.09 1.86 -11.44
N PHE A 113 -11.23 2.41 -12.29
CA PHE A 113 -10.07 1.71 -12.81
C PHE A 113 -9.12 1.35 -11.67
N TYR A 114 -8.79 2.34 -10.84
CA TYR A 114 -7.95 2.10 -9.66
C TYR A 114 -8.59 1.15 -8.65
N GLY A 115 -9.88 1.32 -8.37
CA GLY A 115 -10.62 0.41 -7.49
C GLY A 115 -10.62 -1.03 -7.98
N ALA A 116 -10.85 -1.22 -9.28
CA ALA A 116 -10.83 -2.56 -9.91
C ALA A 116 -9.47 -3.26 -9.76
N GLU A 117 -8.39 -2.50 -9.94
CA GLU A 117 -7.04 -3.04 -9.75
C GLU A 117 -6.72 -3.33 -8.28
N ILE A 118 -7.17 -2.46 -7.36
CA ILE A 118 -7.02 -2.70 -5.90
C ILE A 118 -7.76 -3.99 -5.46
N VAL A 119 -8.96 -4.18 -5.98
CA VAL A 119 -9.81 -5.33 -5.62
C VAL A 119 -9.21 -6.64 -6.14
N SER A 120 -8.79 -6.62 -7.41
CA SER A 120 -8.07 -7.74 -8.00
C SER A 120 -6.93 -8.21 -7.09
N ALA A 121 -6.07 -7.30 -6.68
CA ALA A 121 -4.96 -7.61 -5.76
C ALA A 121 -5.34 -8.04 -4.33
N LEU A 122 -6.37 -7.41 -3.76
CA LEU A 122 -6.83 -7.78 -2.41
C LEU A 122 -7.53 -9.14 -2.43
N ASP A 123 -8.30 -9.37 -3.50
CA ASP A 123 -8.89 -10.68 -3.81
C ASP A 123 -7.80 -11.74 -3.86
N TYR A 124 -6.73 -11.48 -4.61
CA TYR A 124 -5.60 -12.42 -4.68
C TYR A 124 -5.00 -12.69 -3.30
N LEU A 125 -4.69 -11.62 -2.55
CA LEU A 125 -4.16 -11.75 -1.19
C LEU A 125 -5.07 -12.57 -0.27
N HIS A 126 -6.36 -12.28 -0.27
CA HIS A 126 -7.26 -12.95 0.67
C HIS A 126 -7.44 -14.41 0.24
N SER A 127 -7.72 -14.63 -1.05
CA SER A 127 -8.13 -15.94 -1.59
C SER A 127 -6.99 -16.93 -1.85
N GLU A 128 -5.87 -16.44 -2.39
CA GLU A 128 -4.77 -17.34 -2.76
C GLU A 128 -3.70 -17.43 -1.68
N LYS A 129 -3.53 -16.34 -0.95
CA LYS A 129 -2.43 -16.19 -0.01
C LYS A 129 -2.86 -16.22 1.46
N ASN A 130 -4.17 -16.24 1.71
CA ASN A 130 -4.73 -16.13 3.07
C ASN A 130 -4.08 -15.01 3.84
N VAL A 131 -3.90 -13.87 3.18
CA VAL A 131 -3.29 -12.69 3.78
C VAL A 131 -4.32 -11.58 3.87
N VAL A 132 -4.31 -10.88 5.00
CA VAL A 132 -5.03 -9.61 5.13
C VAL A 132 -4.05 -8.47 5.16
N TYR A 133 -4.31 -7.44 4.34
CA TYR A 133 -3.35 -6.34 4.12
C TYR A 133 -3.28 -5.27 5.23
N ARG A 134 -4.44 -4.73 5.62
CA ARG A 134 -4.62 -3.95 6.88
C ARG A 134 -4.16 -2.50 6.89
N ASP A 135 -3.42 -2.09 5.87
CA ASP A 135 -2.96 -0.70 5.80
C ASP A 135 -3.30 0.00 4.47
N LEU A 136 -4.44 -0.31 3.87
CA LEU A 136 -4.82 0.37 2.63
C LEU A 136 -4.89 1.87 2.88
N LYS A 137 -4.18 2.64 2.06
CA LYS A 137 -4.24 4.11 2.07
C LYS A 137 -3.59 4.64 0.80
N LEU A 138 -3.72 5.94 0.55
CA LEU A 138 -3.23 6.57 -0.68
C LEU A 138 -1.70 6.57 -0.79
N GLU A 139 -1.02 6.61 0.36
CA GLU A 139 0.43 6.61 0.43
C GLU A 139 1.02 5.28 -0.05
N ASN A 140 0.29 4.19 0.21
CA ASN A 140 0.71 2.83 -0.13
C ASN A 140 0.26 2.38 -1.51
N LEU A 141 -0.38 3.27 -2.25
CA LEU A 141 -0.79 3.00 -3.62
C LEU A 141 0.07 3.80 -4.57
N MET A 142 0.79 3.10 -5.44
CA MET A 142 1.69 3.78 -6.39
C MET A 142 1.20 3.52 -7.81
N LEU A 143 1.68 4.33 -8.76
CA LEU A 143 1.44 4.07 -10.18
C LEU A 143 2.74 3.65 -10.90
N ASP A 144 2.65 2.62 -11.74
CA ASP A 144 3.79 2.17 -12.54
C ASP A 144 3.90 2.96 -13.85
N LYS A 145 4.90 2.65 -14.68
CA LYS A 145 5.15 3.42 -15.91
C LYS A 145 3.92 3.47 -16.81
N ASP A 146 3.11 2.41 -16.81
CA ASP A 146 1.93 2.36 -17.66
C ASP A 146 0.69 2.99 -17.04
N GLY A 147 0.73 3.37 -15.76
CA GLY A 147 -0.44 3.91 -15.11
C GLY A 147 -1.25 2.90 -14.30
N HIS A 148 -0.67 1.72 -14.06
CA HIS A 148 -1.27 0.67 -13.27
C HIS A 148 -0.83 0.76 -11.80
N ILE A 149 -1.78 0.41 -10.93
CA ILE A 149 -1.60 0.33 -9.50
C ILE A 149 -0.47 -0.61 -9.06
N LYS A 150 0.35 -0.12 -8.11
CA LYS A 150 1.23 -0.94 -7.31
C LYS A 150 0.95 -0.69 -5.82
N ILE A 151 0.46 -1.72 -5.14
CA ILE A 151 0.37 -1.68 -3.68
C ILE A 151 1.76 -1.91 -3.10
N THR A 152 2.12 -1.08 -2.13
CA THR A 152 3.39 -1.23 -1.45
C THR A 152 3.17 -1.53 0.02
N ASP A 153 4.28 -1.67 0.73
CA ASP A 153 4.31 -1.76 2.20
C ASP A 153 3.41 -2.80 2.86
N PHE A 154 3.93 -4.01 2.93
CA PHE A 154 3.21 -5.16 3.44
C PHE A 154 3.58 -5.56 4.86
N GLY A 155 4.25 -4.66 5.57
CA GLY A 155 4.66 -4.91 6.95
C GLY A 155 3.54 -5.03 8.00
N LEU A 156 2.36 -4.46 7.72
CA LEU A 156 1.22 -4.66 8.64
C LEU A 156 0.29 -5.79 8.19
N CYS A 157 0.71 -6.54 7.18
CA CYS A 157 -0.04 -7.71 6.72
C CYS A 157 -0.18 -8.77 7.81
N LYS A 158 -1.28 -9.52 7.74
CA LYS A 158 -1.50 -10.67 8.59
C LYS A 158 -1.54 -11.90 7.71
N GLU A 159 -0.68 -12.86 8.03
CA GLU A 159 -0.59 -14.13 7.29
C GLU A 159 -1.41 -15.24 7.94
N GLY A 160 -1.81 -16.24 7.15
CA GLY A 160 -2.48 -17.40 7.70
C GLY A 160 -3.90 -17.13 8.17
N ILE A 161 -4.56 -16.18 7.50
CA ILE A 161 -5.95 -15.83 7.76
C ILE A 161 -6.84 -16.42 6.66
N LYS A 162 -7.47 -17.55 6.96
CA LYS A 162 -8.36 -18.26 6.06
C LYS A 162 -9.81 -17.89 6.34
N ASP A 163 -10.56 -17.64 5.26
CA ASP A 163 -12.00 -17.32 5.33
C ASP A 163 -12.36 -16.35 6.46
N GLY A 164 -12.95 -16.87 7.54
CA GLY A 164 -13.51 -16.04 8.60
C GLY A 164 -12.67 -15.90 9.86
N ALA A 165 -11.46 -16.48 9.86
CA ALA A 165 -10.54 -16.30 10.99
C ALA A 165 -10.26 -14.83 11.32
N THR A 166 -9.88 -14.59 12.57
CA THR A 166 -9.84 -13.23 13.12
C THR A 166 -8.44 -12.81 13.54
N MET A 167 -8.30 -11.50 13.75
CA MET A 167 -7.07 -10.86 14.11
C MET A 167 -7.36 -9.93 15.27
N LYS A 168 -6.34 -9.56 16.01
CA LYS A 168 -6.53 -8.75 17.19
C LYS A 168 -5.58 -7.57 17.35
N TPO A 169 -4.47 -7.54 16.59
CA TPO A 169 -3.54 -6.41 16.67
CB TPO A 169 -2.25 -6.59 15.84
CG2 TPO A 169 -1.26 -5.45 16.14
OG1 TPO A 169 -1.62 -7.83 16.14
P TPO A 169 -1.45 -8.99 15.06
O1P TPO A 169 -2.84 -9.28 14.59
O2P TPO A 169 -0.58 -8.38 13.97
O3P TPO A 169 -0.73 -10.09 15.81
C TPO A 169 -4.21 -5.14 16.26
O TPO A 169 -4.77 -5.03 15.16
N PHE A 170 -4.16 -4.14 17.15
CA PHE A 170 -4.59 -2.78 16.85
C PHE A 170 -3.52 -2.10 15.97
N CYS A 171 -3.81 -1.94 14.69
CA CYS A 171 -2.81 -1.41 13.75
C CYS A 171 -3.42 -0.86 12.49
N GLY A 172 -2.62 -0.09 11.75
CA GLY A 172 -3.02 0.50 10.49
C GLY A 172 -2.60 1.95 10.44
N THR A 173 -3.47 2.81 9.91
CA THR A 173 -3.24 4.24 9.92
C THR A 173 -4.49 4.95 10.52
N PRO A 174 -4.31 5.81 11.54
CA PRO A 174 -5.46 6.37 12.30
C PRO A 174 -6.65 6.83 11.42
N GLU A 175 -6.36 7.58 10.35
CA GLU A 175 -7.37 8.12 9.45
C GLU A 175 -8.19 7.04 8.74
N TYR A 176 -7.58 5.87 8.59
CA TYR A 176 -8.15 4.81 7.77
C TYR A 176 -8.74 3.66 8.58
N LEU A 177 -8.59 3.68 9.89
CA LEU A 177 -9.00 2.54 10.74
C LEU A 177 -10.46 2.21 10.58
N ALA A 178 -10.75 0.92 10.39
CA ALA A 178 -12.11 0.40 10.41
C ALA A 178 -12.70 0.39 11.85
N PRO A 179 -14.02 0.60 11.96
CA PRO A 179 -14.67 0.68 13.28
C PRO A 179 -14.40 -0.52 14.17
N GLU A 180 -14.49 -1.73 13.62
CA GLU A 180 -14.15 -2.95 14.37
C GLU A 180 -12.68 -3.03 14.86
N VAL A 181 -11.72 -2.41 14.13
CA VAL A 181 -10.34 -2.30 14.63
C VAL A 181 -10.28 -1.39 15.84
N LEU A 182 -10.98 -0.27 15.74
CA LEU A 182 -11.13 0.64 16.88
C LEU A 182 -11.97 0.04 18.05
N GLU A 183 -12.90 -0.85 17.74
CA GLU A 183 -13.69 -1.52 18.78
C GLU A 183 -12.76 -2.43 19.61
N ASP A 184 -11.62 -2.83 19.02
CA ASP A 184 -10.60 -3.67 19.67
C ASP A 184 -11.21 -4.98 20.23
N ASN A 185 -12.03 -5.66 19.44
CA ASN A 185 -12.72 -6.87 19.89
C ASN A 185 -12.73 -8.01 18.85
N ASP A 186 -11.59 -8.19 18.17
CA ASP A 186 -11.45 -9.08 17.01
C ASP A 186 -12.00 -8.50 15.70
N TYR A 187 -11.34 -8.84 14.59
CA TYR A 187 -11.81 -8.40 13.27
C TYR A 187 -11.42 -9.39 12.19
N GLY A 188 -12.11 -9.36 11.07
CA GLY A 188 -11.78 -10.22 9.95
C GLY A 188 -11.23 -9.50 8.73
N ARG A 189 -11.07 -10.24 7.65
CA ARG A 189 -10.51 -9.73 6.37
C ARG A 189 -11.28 -8.55 5.74
N ALA A 190 -12.52 -8.32 6.20
CA ALA A 190 -13.36 -7.22 5.68
C ALA A 190 -12.87 -5.83 6.05
N VAL A 191 -11.88 -5.74 6.94
CA VAL A 191 -11.24 -4.47 7.24
C VAL A 191 -10.59 -3.89 5.98
N ASP A 192 -10.21 -4.77 5.04
CA ASP A 192 -9.60 -4.33 3.78
C ASP A 192 -10.57 -3.62 2.88
N TRP A 193 -11.85 -3.96 3.00
CA TRP A 193 -12.89 -3.37 2.17
C TRP A 193 -13.32 -2.01 2.76
N TRP A 194 -13.20 -1.86 4.08
CA TRP A 194 -13.33 -0.55 4.69
C TRP A 194 -12.27 0.40 4.09
N GLY A 195 -11.00 0.00 4.23
CA GLY A 195 -9.89 0.70 3.61
C GLY A 195 -10.12 1.01 2.14
N LEU A 196 -10.66 0.05 1.41
CA LEU A 196 -11.00 0.30 0.02
C LEU A 196 -12.06 1.40 -0.13
N GLY A 197 -13.01 1.42 0.80
CA GLY A 197 -14.05 2.42 0.81
C GLY A 197 -13.51 3.79 1.09
N VAL A 198 -12.64 3.89 2.08
CA VAL A 198 -11.91 5.14 2.36
C VAL A 198 -11.11 5.67 1.17
N VAL A 199 -10.22 4.87 0.56
CA VAL A 199 -9.40 5.39 -0.55
C VAL A 199 -10.25 5.79 -1.79
N MET A 200 -11.25 4.99 -2.14
CA MET A 200 -12.17 5.34 -3.23
C MET A 200 -13.03 6.59 -2.93
N TYR A 201 -13.33 6.82 -1.65
CA TYR A 201 -14.08 8.01 -1.26
C TYR A 201 -13.18 9.20 -1.46
N GLU A 202 -11.94 9.06 -0.99
CA GLU A 202 -10.92 10.10 -1.23
C GLU A 202 -10.72 10.46 -2.72
N MET A 203 -10.67 9.45 -3.58
CA MET A 203 -10.51 9.66 -5.03
C MET A 203 -11.69 10.41 -5.65
N MET A 204 -12.91 9.91 -5.39
CA MET A 204 -14.13 10.50 -5.91
C MET A 204 -14.67 11.77 -5.20
N CYS A 205 -14.42 11.91 -3.90
CA CYS A 205 -14.94 13.05 -3.11
C CYS A 205 -13.95 14.18 -2.76
N GLY A 206 -12.67 13.88 -2.76
CA GLY A 206 -11.65 14.91 -2.59
C GLY A 206 -11.20 15.13 -1.15
N ARG A 207 -11.59 14.22 -0.28
CA ARG A 207 -11.32 14.36 1.14
C ARG A 207 -11.51 13.01 1.81
N LEU A 208 -11.03 12.89 3.04
CA LEU A 208 -11.29 11.70 3.86
C LEU A 208 -12.77 11.62 4.27
N PRO A 209 -13.31 10.41 4.42
CA PRO A 209 -14.72 10.30 4.87
C PRO A 209 -14.94 10.83 6.28
N PHE A 210 -13.94 10.65 7.15
CA PHE A 210 -13.93 11.26 8.48
C PHE A 210 -12.57 11.85 8.76
N TYR A 211 -12.55 13.08 9.28
CA TYR A 211 -11.30 13.69 9.72
C TYR A 211 -11.39 14.59 10.96
N ASN A 212 -10.34 14.49 11.77
CA ASN A 212 -10.04 15.45 12.81
C ASN A 212 -8.63 15.19 13.29
N GLN A 213 -7.84 16.26 13.38
CA GLN A 213 -6.46 16.15 13.84
C GLN A 213 -6.33 15.58 15.25
N ASP A 214 -7.35 15.77 16.08
CA ASP A 214 -7.38 15.14 17.39
C ASP A 214 -7.90 13.71 17.22
N HIS A 215 -7.02 12.72 17.43
CA HIS A 215 -7.34 11.31 17.23
C HIS A 215 -8.57 10.85 17.99
N GLU A 216 -8.74 11.39 19.19
CA GLU A 216 -9.87 11.02 20.03
C GLU A 216 -11.18 11.46 19.38
N LYS A 217 -11.15 12.64 18.77
CA LYS A 217 -12.27 13.12 17.98
C LYS A 217 -12.40 12.34 16.66
N LEU A 218 -11.27 12.01 16.05
CA LEU A 218 -11.24 11.17 14.83
C LEU A 218 -11.90 9.80 15.05
N PHE A 219 -11.47 9.11 16.11
CA PHE A 219 -11.96 7.77 16.42
C PHE A 219 -13.45 7.77 16.76
N GLU A 220 -13.90 8.82 17.45
CA GLU A 220 -15.31 9.10 17.72
C GLU A 220 -16.12 9.18 16.42
N LEU A 221 -15.65 9.97 15.45
CA LEU A 221 -16.32 10.06 14.14
C LEU A 221 -16.41 8.74 13.38
N ILE A 222 -15.31 7.98 13.34
CA ILE A 222 -15.30 6.69 12.62
C ILE A 222 -16.29 5.69 13.25
N LEU A 223 -16.35 5.69 14.57
CA LEU A 223 -17.27 4.82 15.29
C LEU A 223 -18.76 5.21 15.24
N MET A 224 -19.06 6.51 15.31
CA MET A 224 -20.44 7.01 15.55
C MET A 224 -21.19 7.69 14.37
N GLU A 225 -20.42 8.33 13.49
CA GLU A 225 -20.98 9.21 12.45
C GLU A 225 -21.36 8.49 11.17
N GLU A 226 -22.63 8.56 10.79
CA GLU A 226 -23.11 8.00 9.52
C GLU A 226 -22.32 8.61 8.35
N ILE A 227 -22.09 7.82 7.31
CA ILE A 227 -21.36 8.26 6.12
C ILE A 227 -22.15 9.26 5.27
N ARG A 228 -21.54 10.41 5.00
CA ARG A 228 -22.11 11.36 4.05
C ARG A 228 -21.21 11.57 2.82
N PHE A 229 -21.86 12.01 1.74
CA PHE A 229 -21.22 12.23 0.46
C PHE A 229 -21.47 13.64 -0.10
N PRO A 230 -20.49 14.19 -0.83
CA PRO A 230 -20.72 15.41 -1.63
C PRO A 230 -21.81 15.14 -2.66
N ARG A 231 -22.71 16.10 -2.84
CA ARG A 231 -23.97 15.84 -3.56
C ARG A 231 -23.83 15.75 -5.08
N THR A 232 -22.63 16.04 -5.57
CA THR A 232 -22.22 15.81 -6.96
C THR A 232 -21.90 14.33 -7.27
N LEU A 233 -21.66 13.52 -6.25
CA LEU A 233 -21.38 12.08 -6.46
C LEU A 233 -22.57 11.33 -7.08
N GLY A 234 -22.31 10.56 -8.13
CA GLY A 234 -23.33 9.77 -8.82
C GLY A 234 -23.92 8.63 -8.00
N PRO A 235 -25.07 8.09 -8.43
CA PRO A 235 -25.79 7.14 -7.57
C PRO A 235 -25.15 5.78 -7.41
N GLU A 236 -24.43 5.31 -8.42
CA GLU A 236 -23.77 4.01 -8.30
C GLU A 236 -22.50 4.05 -7.44
N ALA A 237 -21.79 5.18 -7.47
CA ALA A 237 -20.67 5.43 -6.57
C ALA A 237 -21.14 5.65 -5.13
N LYS A 238 -22.21 6.41 -4.95
CA LYS A 238 -22.79 6.57 -3.60
C LYS A 238 -23.15 5.17 -3.06
N SER A 239 -23.75 4.34 -3.91
CA SER A 239 -24.11 2.97 -3.51
C SER A 239 -22.90 2.11 -3.09
N LEU A 240 -21.79 2.22 -3.83
CA LEU A 240 -20.59 1.42 -3.55
C LEU A 240 -19.95 1.82 -2.22
N LEU A 241 -19.72 3.12 -2.04
CA LEU A 241 -19.09 3.67 -0.87
C LEU A 241 -19.89 3.47 0.42
N SER A 242 -21.21 3.68 0.36
CA SER A 242 -22.11 3.24 1.46
C SER A 242 -21.95 1.77 1.84
N GLY A 243 -21.80 0.88 0.86
CA GLY A 243 -21.62 -0.53 1.13
C GLY A 243 -20.27 -0.87 1.78
N LEU A 244 -19.21 -0.22 1.30
CA LEU A 244 -17.87 -0.42 1.79
C LEU A 244 -17.64 0.21 3.15
N LEU A 245 -18.39 1.27 3.43
CA LEU A 245 -18.21 2.05 4.66
C LEU A 245 -19.34 1.81 5.71
N LYS A 246 -20.01 0.67 5.58
CA LYS A 246 -20.85 0.12 6.63
C LYS A 246 -19.97 -0.19 7.83
N LYS A 247 -20.39 0.25 9.00
CA LYS A 247 -19.53 0.18 10.18
C LYS A 247 -19.50 -1.22 10.75
N ASP A 248 -20.55 -1.97 10.45
CA ASP A 248 -20.68 -3.35 10.86
C ASP A 248 -20.14 -4.23 9.73
N PRO A 249 -19.05 -4.97 9.99
CA PRO A 249 -18.39 -5.72 8.91
C PRO A 249 -19.28 -6.82 8.31
N LYS A 250 -20.20 -7.34 9.13
CA LYS A 250 -21.22 -8.30 8.69
C LYS A 250 -22.21 -7.67 7.69
N GLN A 251 -22.39 -6.35 7.77
CA GLN A 251 -23.21 -5.61 6.81
C GLN A 251 -22.42 -5.10 5.58
N ARG A 252 -21.08 -5.17 5.67
CA ARG A 252 -20.20 -4.54 4.68
C ARG A 252 -20.21 -5.25 3.32
N LEU A 253 -20.20 -4.46 2.25
CA LEU A 253 -19.94 -5.05 0.95
C LEU A 253 -18.56 -5.72 0.99
N GLY A 254 -18.53 -7.02 0.77
CA GLY A 254 -17.35 -7.85 0.92
C GLY A 254 -17.16 -8.49 2.27
N GLY A 255 -18.16 -8.31 3.16
CA GLY A 255 -18.07 -8.77 4.54
C GLY A 255 -18.47 -10.21 4.81
N GLY A 256 -18.97 -10.88 3.76
CA GLY A 256 -19.47 -12.26 3.86
C GLY A 256 -18.58 -13.27 3.15
N SER A 257 -19.10 -14.49 2.96
CA SER A 257 -18.30 -15.63 2.52
C SER A 257 -17.75 -15.44 1.11
N GLU A 258 -18.45 -14.64 0.32
CA GLU A 258 -18.10 -14.35 -1.07
C GLU A 258 -16.92 -13.42 -1.19
N ASP A 259 -16.69 -12.59 -0.15
CA ASP A 259 -15.53 -11.68 -0.05
C ASP A 259 -15.52 -10.66 -1.22
N ALA A 260 -14.39 -10.57 -1.94
CA ALA A 260 -14.21 -9.59 -3.04
C ALA A 260 -15.27 -9.74 -4.11
N LYS A 261 -15.66 -10.99 -4.34
CA LYS A 261 -16.67 -11.34 -5.34
C LYS A 261 -17.95 -10.51 -5.20
N GLU A 262 -18.32 -10.15 -3.96
CA GLU A 262 -19.46 -9.29 -3.70
C GLU A 262 -19.28 -7.89 -4.30
N ILE A 263 -18.12 -7.29 -4.02
CA ILE A 263 -17.69 -6.01 -4.60
C ILE A 263 -17.58 -6.04 -6.14
N MET A 264 -17.01 -7.12 -6.67
CA MET A 264 -16.83 -7.29 -8.12
C MET A 264 -18.13 -7.26 -8.90
N GLN A 265 -19.20 -7.68 -8.22
CA GLN A 265 -20.51 -7.83 -8.80
C GLN A 265 -21.40 -6.60 -8.60
N HIS A 266 -20.94 -5.63 -7.81
CA HIS A 266 -21.71 -4.38 -7.57
C HIS A 266 -21.92 -3.60 -8.88
N ARG A 267 -23.04 -2.89 -8.97
CA ARG A 267 -23.39 -2.16 -10.20
C ARG A 267 -22.38 -1.09 -10.63
N PHE A 268 -21.59 -0.57 -9.69
CA PHE A 268 -20.54 0.39 -10.02
C PHE A 268 -19.48 -0.19 -10.96
N PHE A 269 -19.22 -1.50 -10.88
CA PHE A 269 -18.25 -2.19 -11.75
C PHE A 269 -18.91 -2.94 -12.92
N ALA A 270 -20.16 -2.57 -13.24
CA ALA A 270 -21.05 -3.31 -14.15
C ALA A 270 -20.45 -3.94 -15.40
N GLY A 271 -19.69 -3.18 -16.18
CA GLY A 271 -19.08 -3.77 -17.38
C GLY A 271 -17.61 -4.16 -17.22
N ILE A 272 -17.12 -4.24 -15.98
CA ILE A 272 -15.73 -4.64 -15.75
C ILE A 272 -15.61 -6.15 -16.00
N VAL A 273 -14.74 -6.50 -16.95
CA VAL A 273 -14.36 -7.90 -17.17
C VAL A 273 -13.18 -8.16 -16.23
N TRP A 274 -13.43 -8.87 -15.14
CA TRP A 274 -12.43 -9.02 -14.08
C TRP A 274 -11.13 -9.73 -14.49
N GLN A 275 -11.24 -10.62 -15.46
CA GLN A 275 -10.06 -11.25 -16.06
C GLN A 275 -9.18 -10.26 -16.85
N HIS A 276 -9.82 -9.35 -17.59
CA HIS A 276 -9.09 -8.30 -18.31
C HIS A 276 -8.37 -7.38 -17.33
N VAL A 277 -8.98 -7.14 -16.17
CA VAL A 277 -8.36 -6.35 -15.11
C VAL A 277 -7.07 -7.02 -14.70
N TYR A 278 -7.15 -8.30 -14.36
CA TYR A 278 -5.97 -9.10 -14.03
C TYR A 278 -4.90 -9.03 -15.12
N GLU A 279 -5.31 -9.13 -16.38
CA GLU A 279 -4.37 -9.22 -17.52
C GLU A 279 -3.82 -7.86 -17.97
N LYS A 280 -4.24 -6.78 -17.30
CA LYS A 280 -3.79 -5.42 -17.65
C LYS A 280 -4.28 -5.05 -19.05
N LYS A 281 -5.41 -5.65 -19.45
CA LYS A 281 -6.05 -5.34 -20.73
C LYS A 281 -6.91 -4.08 -20.69
N LEU A 282 -6.96 -3.43 -19.53
CA LEU A 282 -7.69 -2.18 -19.41
C LEU A 282 -6.68 -1.05 -19.48
N SER A 283 -6.90 -0.10 -20.38
CA SER A 283 -5.95 0.98 -20.58
C SER A 283 -6.06 1.99 -19.46
N PRO A 284 -4.96 2.24 -18.75
CA PRO A 284 -4.95 3.28 -17.73
C PRO A 284 -5.34 4.66 -18.29
N PRO A 285 -6.16 5.42 -17.55
CA PRO A 285 -6.65 6.74 -17.98
C PRO A 285 -5.64 7.87 -17.75
N PHE A 286 -4.55 7.51 -17.09
CA PHE A 286 -3.47 8.42 -16.91
C PHE A 286 -2.21 7.62 -17.09
N LYS A 287 -1.36 8.07 -18.01
CA LYS A 287 -0.03 7.53 -18.16
C LYS A 287 0.97 8.58 -17.65
N PRO A 288 1.84 8.18 -16.72
CA PRO A 288 2.87 9.08 -16.20
C PRO A 288 3.71 9.68 -17.35
N GLN A 289 3.94 10.99 -17.27
CA GLN A 289 4.52 11.71 -18.39
C GLN A 289 6.01 11.95 -18.19
N VAL A 290 6.71 10.91 -17.76
CA VAL A 290 8.15 10.99 -17.54
C VAL A 290 8.93 11.05 -18.86
N THR A 291 10.06 11.74 -18.83
CA THR A 291 10.85 12.03 -20.05
C THR A 291 12.19 11.30 -20.08
N SER A 292 12.53 10.63 -18.99
CA SER A 292 13.70 9.76 -18.91
C SER A 292 13.52 8.71 -17.81
N GLU A 293 14.50 7.81 -17.71
CA GLU A 293 14.49 6.68 -16.79
C GLU A 293 14.63 7.11 -15.35
N THR A 294 14.95 8.38 -15.17
CA THR A 294 15.44 8.93 -13.91
C THR A 294 14.62 10.19 -13.59
N ASP A 295 13.61 10.44 -14.43
CA ASP A 295 12.65 11.53 -14.21
C ASP A 295 11.79 11.19 -12.97
N THR A 296 11.88 12.04 -11.95
CA THR A 296 11.23 11.79 -10.67
C THR A 296 10.18 12.87 -10.34
N ARG A 297 9.55 13.42 -11.38
CA ARG A 297 8.62 14.55 -11.25
C ARG A 297 7.40 14.20 -10.38
N TYR A 298 7.13 12.92 -10.19
CA TYR A 298 5.99 12.48 -9.41
C TYR A 298 6.42 12.12 -8.00
N PHE A 299 7.55 12.69 -7.58
CA PHE A 299 8.03 12.58 -6.22
C PHE A 299 8.33 13.98 -5.73
N ASP A 300 8.07 14.22 -4.45
CA ASP A 300 8.24 15.55 -3.88
C ASP A 300 9.68 16.01 -4.01
N GLU A 301 9.83 17.28 -4.43
CA GLU A 301 11.09 17.99 -4.50
C GLU A 301 11.85 17.93 -3.18
N GLU A 302 11.10 18.03 -2.08
CA GLU A 302 11.63 17.93 -0.72
C GLU A 302 12.62 16.76 -0.61
N PHE A 303 12.32 15.68 -1.33
CA PHE A 303 13.20 14.51 -1.37
C PHE A 303 14.15 14.49 -2.56
N THR A 304 13.59 14.61 -3.77
CA THR A 304 14.37 14.39 -5.01
C THR A 304 15.59 15.31 -5.18
N ALA A 305 15.49 16.53 -4.65
CA ALA A 305 16.58 17.50 -4.72
C ALA A 305 17.70 17.32 -3.68
N GLN A 306 17.49 16.43 -2.70
CA GLN A 306 18.48 16.18 -1.62
C GLN A 306 19.71 15.35 -2.07
N MET A 307 20.40 14.79 -1.07
CA MET A 307 21.52 13.83 -1.27
C MET A 307 21.11 12.45 -0.70
N ILE A 308 21.77 11.38 -1.14
CA ILE A 308 21.16 10.02 -1.11
C ILE A 308 21.61 9.03 -0.02
N THR A 309 22.51 8.11 -0.35
CA THR A 309 23.16 7.28 0.67
C THR A 309 24.11 8.11 1.51
N ILE A 310 24.18 7.77 2.78
CA ILE A 310 25.04 8.44 3.76
C ILE A 310 26.48 7.93 3.58
N MET A 319 32.23 -7.99 8.60
CA MET A 319 31.02 -7.56 9.29
C MET A 319 29.79 -8.25 8.70
N GLU A 320 30.05 -9.27 7.88
CA GLU A 320 29.00 -9.97 7.15
C GLU A 320 28.31 -11.05 8.00
N CYS A 321 28.81 -11.27 9.21
CA CYS A 321 28.26 -12.28 10.11
C CYS A 321 28.00 -11.78 11.55
N VAL A 322 28.05 -10.46 11.74
CA VAL A 322 27.74 -9.85 13.04
C VAL A 322 26.25 -10.01 13.37
N ASP A 323 25.96 -10.63 14.50
CA ASP A 323 24.58 -10.81 14.97
C ASP A 323 24.49 -10.32 16.42
N SER A 324 24.07 -9.06 16.56
CA SER A 324 23.96 -8.38 17.84
C SER A 324 22.51 -8.02 18.12
N GLU A 325 22.23 -7.56 19.34
CA GLU A 325 20.88 -7.20 19.73
C GLU A 325 20.38 -5.91 19.07
N ARG A 326 21.26 -4.93 18.96
CA ARG A 326 20.90 -3.66 18.33
C ARG A 326 20.89 -3.79 16.81
N ARG A 327 21.78 -4.65 16.29
CA ARG A 327 21.90 -4.92 14.85
C ARG A 327 21.82 -6.42 14.53
N PRO A 328 20.62 -7.01 14.68
CA PRO A 328 20.51 -8.45 14.47
C PRO A 328 20.74 -8.84 13.03
N HIS A 329 21.28 -10.04 12.83
CA HIS A 329 21.29 -10.65 11.50
C HIS A 329 19.86 -11.07 11.26
N PHE A 330 19.28 -10.61 10.15
CA PHE A 330 17.89 -10.93 9.82
C PHE A 330 17.85 -12.15 8.91
N PRO A 331 16.95 -13.11 9.20
CA PRO A 331 16.84 -14.26 8.32
C PRO A 331 16.15 -13.92 7.00
N GLN A 332 16.43 -14.69 5.97
CA GLN A 332 15.82 -14.54 4.64
C GLN A 332 16.10 -13.24 3.91
N PHE A 333 17.18 -12.56 4.29
CA PHE A 333 17.69 -11.45 3.50
C PHE A 333 18.88 -11.90 2.66
N ASP A 334 18.56 -12.79 1.72
CA ASP A 334 19.53 -13.44 0.85
C ASP A 334 18.77 -13.76 -0.42
N TYR A 335 17.79 -12.90 -0.72
CA TYR A 335 16.83 -13.19 -1.75
C TYR A 335 17.17 -12.53 -3.08
N SER A 336 17.00 -13.29 -4.14
CA SER A 336 17.11 -12.79 -5.50
C SER A 336 16.04 -13.52 -6.29
N ALA A 337 15.08 -12.77 -6.83
CA ALA A 337 13.98 -13.39 -7.58
C ALA A 337 14.52 -14.23 -8.74
N SER A 338 13.98 -15.43 -8.91
CA SER A 338 14.27 -16.29 -10.05
C SER A 338 13.62 -15.72 -11.33
N SER A 339 14.30 -15.88 -12.46
CA SER A 339 13.75 -15.35 -13.73
C SER A 339 12.40 -15.96 -14.14
N GLY B 1 -3.56 19.19 0.14
CA GLY B 1 -4.77 18.73 0.89
C GLY B 1 -4.42 18.19 2.27
N ARG B 2 -5.00 17.04 2.62
CA ARG B 2 -4.69 16.39 3.88
C ARG B 2 -3.17 16.14 4.01
N PRO B 3 -2.63 16.26 5.23
CA PRO B 3 -1.21 15.97 5.44
C PRO B 3 -0.95 14.46 5.28
N ARG B 4 0.32 14.09 5.07
CA ARG B 4 0.71 12.67 5.02
C ARG B 4 0.34 11.95 6.34
N THR B 5 -0.10 10.71 6.22
CA THR B 5 -0.45 9.88 7.38
C THR B 5 0.64 8.86 7.72
N THR B 6 0.73 8.48 8.99
CA THR B 6 1.75 7.57 9.46
C THR B 6 1.16 6.25 9.98
N SER B 7 1.64 5.15 9.41
CA SER B 7 1.28 3.81 9.85
C SER B 7 1.76 3.53 11.29
N PHE B 8 1.07 2.63 11.98
CA PHE B 8 1.41 2.28 13.36
C PHE B 8 0.97 0.85 13.68
N ALA B 9 1.58 0.28 14.71
CA ALA B 9 1.06 -0.90 15.37
C ALA B 9 1.35 -0.81 16.87
N GLU B 10 0.38 -1.22 17.67
CA GLU B 10 0.59 -1.39 19.11
C GLU B 10 -0.19 -2.60 19.59
C1 SMH C . 8.85 2.85 -4.80
C2 SMH C . 8.49 1.75 -3.97
C3 SMH C . 8.20 1.99 -2.61
C4 SMH C . 8.28 3.31 -2.11
C5 SMH C . 8.65 4.39 -2.94
C6 SMH C . 8.94 4.17 -4.30
O7 SMH C . 7.99 3.52 -0.79
C8 SMH C . 7.39 4.76 -0.42
C9 SMH C . 8.35 5.88 -0.87
C10 SMH C . 8.70 5.75 -2.35
C11 SMH C . 7.27 4.82 1.12
N12 SMH C . 6.20 3.94 1.70
C13 SMH C . 4.87 4.08 1.03
C14 SMH C . 4.92 3.96 -0.51
C15 SMH C . 5.99 4.86 -1.11
O16 SMH C . 9.10 2.57 -6.12
O17 SMH C . 9.09 6.75 -2.93
C18 SMH C . 6.14 4.06 3.17
C19 SMH C . 7.40 3.57 3.91
O20 SMH C . 7.89 2.38 3.30
C21 SMH C . 7.10 3.30 5.39
N22 SMH C . 8.32 3.39 6.24
C23 SMH C . 9.00 2.11 6.54
C24 SMH C . 8.18 1.27 7.56
C25 SMH C . 9.39 5.78 5.11
C26 SMH C . 8.58 6.88 4.72
C27 SMH C . 8.82 7.54 3.51
C28 SMH C . 9.88 7.10 2.69
C29 SMH C . 10.70 6.02 3.06
C30 SMH C . 10.45 5.35 4.27
C31 SMH C . 11.35 4.18 4.64
C32 SMH C . 7.42 7.36 5.60
S33 SMH C . 9.03 4.92 6.70
O34 SMH C . 8.02 5.72 7.41
O35 SMH C . 10.26 4.65 7.43
O36 SMH C . 8.98 0.19 8.04
C37 SMH C . 9.35 -1.54 9.61
C38 SMH C . 8.53 -0.28 9.30
#